data_4B5T
#
_entry.id   4B5T
#
_cell.length_a   151.327
_cell.length_b   151.327
_cell.length_c   151.327
_cell.angle_alpha   90.00
_cell.angle_beta   90.00
_cell.angle_gamma   90.00
#
_symmetry.space_group_name_H-M   'P 21 3'
#
loop_
_entity.id
_entity.type
_entity.pdbx_description
1 polymer '4-HYDROXY-2-OXO-HEPTANE-1,7-DIOATE ALDOLASE'
2 non-polymer 'COBALT (II) ION'
3 non-polymer GLYCEROL
4 non-polymer 'MAGNESIUM ION'
5 non-polymer '2-KETOBUTYRIC ACID'
6 water water
#
_entity_poly.entity_id   1
_entity_poly.type   'polypeptide(L)'
_entity_poly.pdbx_seq_one_letter_code
;MENSFKAALKAGRPQIGLWLGLSSSYSAELLAGAGFDWLLIDGEHAPNNVQTVLTQLQAIAPYPSQPVVRPSWNDPVQIK
QLLDVGTQTLLVPMVQNADEAREAVRATRYPPAGIRGVGSALARASRWNRIPDYLQKANDQMCVLVQIETREAMKNLPQI
LDVEGVDGVFIGPADLSADMGYAGNPQHPEVQAAIEQAIVQIRESGKAPGILIANEQLAKRYLELGALFVAVGVDTTLLA
RAAEALAARFG
;
_entity_poly.pdbx_strand_id   A,B
#
loop_
_chem_comp.id
_chem_comp.type
_chem_comp.name
_chem_comp.formula
2KT non-polymer '2-KETOBUTYRIC ACID' 'C4 H6 O3'
CO non-polymer 'COBALT (II) ION' 'Co 2'
GOL non-polymer GLYCEROL 'C3 H8 O3'
MG non-polymer 'MAGNESIUM ION' 'Mg 2'
#
# COMPACT_ATOMS: atom_id res chain seq x y z
N MET A 1 -16.59 5.69 -23.80
CA MET A 1 -16.77 6.60 -22.63
C MET A 1 -18.07 6.32 -21.89
N GLU A 2 -18.71 5.18 -22.20
CA GLU A 2 -19.88 4.72 -21.48
C GLU A 2 -19.51 4.50 -20.03
N ASN A 3 -20.36 4.99 -19.15
CA ASN A 3 -20.16 4.80 -17.73
C ASN A 3 -20.86 3.53 -17.26
N SER A 4 -20.08 2.46 -17.15
CA SER A 4 -20.63 1.14 -16.84
C SER A 4 -21.10 1.00 -15.38
N PHE A 5 -20.44 1.72 -14.46
CA PHE A 5 -20.89 1.73 -13.05
C PHE A 5 -22.29 2.34 -12.97
N LYS A 6 -22.47 3.46 -13.66
CA LYS A 6 -23.75 4.13 -13.68
C LYS A 6 -24.85 3.22 -14.27
N ALA A 7 -24.53 2.55 -15.38
CA ALA A 7 -25.48 1.62 -16.02
C ALA A 7 -25.86 0.50 -15.05
N ALA A 8 -24.88 0.00 -14.32
CA ALA A 8 -25.12 -1.09 -13.38
C ALA A 8 -26.06 -0.66 -12.25
N LEU A 9 -25.84 0.53 -11.70
CA LEU A 9 -26.70 1.03 -10.65
C LEU A 9 -28.12 1.16 -11.18
N LYS A 10 -28.24 1.73 -12.36
CA LYS A 10 -29.54 1.91 -12.99
C LYS A 10 -30.26 0.57 -13.17
N ALA A 11 -29.52 -0.46 -13.53
CA ALA A 11 -30.08 -1.79 -13.74
C ALA A 11 -30.29 -2.57 -12.43
N GLY A 12 -29.96 -1.98 -11.30
CA GLY A 12 -30.11 -2.66 -10.03
C GLY A 12 -29.10 -3.77 -9.78
N ARG A 13 -27.93 -3.71 -10.41
CA ARG A 13 -26.90 -4.70 -10.09
C ARG A 13 -26.01 -4.19 -8.98
N PRO A 14 -25.96 -4.90 -7.84
CA PRO A 14 -25.14 -4.40 -6.73
C PRO A 14 -23.64 -4.35 -7.10
N GLN A 15 -22.95 -3.33 -6.64
CA GLN A 15 -21.54 -3.11 -6.98
C GLN A 15 -20.76 -3.09 -5.69
N ILE A 16 -19.82 -4.01 -5.58
CA ILE A 16 -19.00 -4.19 -4.41
C ILE A 16 -17.69 -3.38 -4.58
N GLY A 17 -17.35 -2.58 -3.58
CA GLY A 17 -16.22 -1.66 -3.70
C GLY A 17 -15.16 -1.73 -2.63
N LEU A 18 -14.02 -1.13 -2.95
CA LEU A 18 -12.94 -0.94 -2.03
C LEU A 18 -12.54 0.54 -1.99
N TRP A 19 -12.31 1.05 -0.79
CA TRP A 19 -11.88 2.43 -0.59
C TRP A 19 -10.36 2.54 -0.73
N LEU A 20 -9.89 3.54 -1.48
CA LEU A 20 -8.46 3.76 -1.68
C LEU A 20 -8.01 5.06 -1.03
N GLY A 21 -7.31 4.90 0.10
CA GLY A 21 -6.64 5.98 0.78
C GLY A 21 -5.12 5.92 0.70
N LEU A 22 -4.53 4.91 0.04
CA LEU A 22 -3.07 4.84 0.01
C LEU A 22 -2.42 5.93 -0.89
N SER A 23 -3.24 6.59 -1.71
CA SER A 23 -2.83 7.74 -2.50
C SER A 23 -1.65 7.45 -3.40
N SER A 24 -1.63 6.27 -3.99
CA SER A 24 -0.51 5.80 -4.77
C SER A 24 -1.03 5.15 -6.04
N SER A 25 -0.44 5.51 -7.18
CA SER A 25 -0.83 4.89 -8.44
C SER A 25 -0.35 3.43 -8.51
N TYR A 26 0.66 3.06 -7.72
CA TYR A 26 1.21 1.71 -7.74
C TYR A 26 0.27 0.72 -7.00
N SER A 27 -0.05 1.02 -5.75
CA SER A 27 -1.04 0.21 -5.02
C SER A 27 -2.43 0.28 -5.67
N ALA A 28 -2.81 1.41 -6.29
CA ALA A 28 -4.07 1.44 -7.05
C ALA A 28 -4.13 0.37 -8.16
N GLU A 29 -3.04 0.20 -8.90
CA GLU A 29 -3.04 -0.82 -9.93
C GLU A 29 -3.14 -2.22 -9.31
N LEU A 30 -2.40 -2.45 -8.24
CA LEU A 30 -2.38 -3.75 -7.58
C LEU A 30 -3.81 -4.11 -7.15
N LEU A 31 -4.51 -3.13 -6.61
CA LEU A 31 -5.85 -3.35 -6.09
C LEU A 31 -6.90 -3.38 -7.22
N ALA A 32 -6.62 -2.72 -8.35
CA ALA A 32 -7.53 -2.75 -9.49
C ALA A 32 -7.69 -4.16 -10.07
N GLY A 33 -6.73 -5.03 -9.82
CA GLY A 33 -6.82 -6.41 -10.28
C GLY A 33 -7.41 -7.38 -9.26
N ALA A 34 -7.95 -6.90 -8.14
CA ALA A 34 -8.37 -7.81 -7.07
C ALA A 34 -9.83 -8.29 -7.14
N GLY A 35 -10.55 -7.80 -8.12
CA GLY A 35 -11.90 -8.28 -8.40
C GLY A 35 -13.05 -7.42 -7.92
N PHE A 36 -12.78 -6.19 -7.48
CA PHE A 36 -13.88 -5.29 -7.08
C PHE A 36 -14.62 -4.70 -8.25
N ASP A 37 -15.89 -4.39 -8.05
CA ASP A 37 -16.66 -3.71 -9.10
C ASP A 37 -16.29 -2.22 -9.19
N TRP A 38 -15.97 -1.63 -8.06
CA TRP A 38 -15.58 -0.21 -8.03
C TRP A 38 -14.53 0.08 -6.98
N LEU A 39 -13.82 1.19 -7.21
CA LEU A 39 -12.76 1.66 -6.33
C LEU A 39 -12.99 3.14 -6.08
N LEU A 40 -12.92 3.55 -4.83
CA LEU A 40 -13.12 4.91 -4.46
C LEU A 40 -11.78 5.61 -4.20
N ILE A 41 -11.44 6.57 -5.04
CA ILE A 41 -10.23 7.40 -4.83
C ILE A 41 -10.61 8.61 -3.95
N ASP A 42 -10.14 8.57 -2.73
CA ASP A 42 -10.59 9.49 -1.73
C ASP A 42 -9.78 10.79 -1.73
N GLY A 43 -10.37 11.87 -2.24
CA GLY A 43 -9.72 13.18 -2.18
C GLY A 43 -9.98 13.97 -0.91
N GLU A 44 -10.92 13.51 -0.09
CA GLU A 44 -11.30 14.18 1.13
C GLU A 44 -10.50 13.85 2.37
N HIS A 45 -10.37 12.58 2.68
CA HIS A 45 -9.68 12.11 3.85
C HIS A 45 -8.39 11.40 3.60
N ALA A 46 -7.89 11.40 2.37
CA ALA A 46 -6.56 10.89 2.08
C ALA A 46 -5.80 11.99 1.37
N PRO A 47 -4.48 11.99 1.44
CA PRO A 47 -3.65 13.03 0.81
C PRO A 47 -3.55 12.94 -0.73
N ASN A 48 -4.68 13.08 -1.38
CA ASN A 48 -4.76 13.15 -2.85
C ASN A 48 -5.08 14.54 -3.32
N ASN A 49 -4.78 14.80 -4.61
CA ASN A 49 -5.17 16.05 -5.27
C ASN A 49 -5.49 15.69 -6.71
N VAL A 50 -5.75 16.68 -7.55
CA VAL A 50 -6.19 16.39 -8.91
C VAL A 50 -5.13 15.55 -9.62
N GLN A 51 -3.87 15.90 -9.40
CA GLN A 51 -2.77 15.19 -10.04
C GLN A 51 -2.60 13.72 -9.64
N THR A 52 -2.78 13.39 -8.36
CA THR A 52 -2.69 12.01 -7.95
C THR A 52 -3.93 11.21 -8.36
N VAL A 53 -5.07 11.87 -8.42
CA VAL A 53 -6.27 11.25 -8.96
C VAL A 53 -6.01 10.83 -10.42
N LEU A 54 -5.44 11.75 -11.18
CA LEU A 54 -5.11 11.48 -12.58
C LEU A 54 -4.26 10.21 -12.70
N THR A 55 -3.20 10.09 -11.90
CA THR A 55 -2.33 8.93 -12.06
C THR A 55 -3.00 7.65 -11.61
N GLN A 56 -3.88 7.75 -10.62
CA GLN A 56 -4.62 6.55 -10.21
C GLN A 56 -5.65 6.11 -11.28
N LEU A 57 -6.33 7.07 -11.90
CA LEU A 57 -7.21 6.77 -13.03
C LEU A 57 -6.45 6.05 -14.17
N GLN A 58 -5.25 6.55 -14.48
CA GLN A 58 -4.41 5.91 -15.50
C GLN A 58 -4.03 4.48 -15.12
N ALA A 59 -3.71 4.25 -13.85
CA ALA A 59 -3.35 2.94 -13.38
C ALA A 59 -4.54 1.95 -13.48
N ILE A 60 -5.71 2.41 -13.07
CA ILE A 60 -6.93 1.58 -13.03
C ILE A 60 -7.51 1.28 -14.41
N ALA A 61 -7.28 2.19 -15.36
CA ALA A 61 -7.93 2.18 -16.68
C ALA A 61 -8.05 0.81 -17.38
N PRO A 62 -6.98 0.01 -17.43
CA PRO A 62 -7.20 -1.21 -18.25
C PRO A 62 -7.93 -2.34 -17.53
N TYR A 63 -8.26 -2.12 -16.27
CA TYR A 63 -8.90 -3.17 -15.44
C TYR A 63 -10.44 -3.01 -15.47
N PRO A 64 -11.17 -4.08 -15.09
CA PRO A 64 -12.65 -3.99 -15.10
C PRO A 64 -13.20 -3.13 -13.96
N SER A 65 -12.46 -3.00 -12.87
CA SER A 65 -12.91 -2.18 -11.73
C SER A 65 -13.12 -0.70 -12.15
N GLN A 66 -14.26 -0.13 -11.78
CA GLN A 66 -14.59 1.22 -12.15
C GLN A 66 -14.23 2.25 -11.05
N PRO A 67 -13.61 3.37 -11.47
CA PRO A 67 -13.22 4.41 -10.50
C PRO A 67 -14.32 5.36 -10.17
N VAL A 68 -14.39 5.69 -8.89
CA VAL A 68 -15.25 6.72 -8.38
C VAL A 68 -14.35 7.66 -7.58
N VAL A 69 -14.58 8.96 -7.70
CA VAL A 69 -13.74 9.92 -7.01
C VAL A 69 -14.53 10.76 -6.05
N ARG A 70 -13.97 10.89 -4.86
CA ARG A 70 -14.55 11.77 -3.87
C ARG A 70 -13.77 13.10 -3.76
N PRO A 71 -14.35 14.21 -4.22
CA PRO A 71 -13.67 15.52 -3.98
C PRO A 71 -13.67 15.92 -2.49
N SER A 72 -12.85 16.87 -2.12
CA SER A 72 -12.76 17.28 -0.74
C SER A 72 -14.03 17.94 -0.22
N TRP A 73 -14.75 18.57 -1.12
CA TRP A 73 -16.05 19.13 -0.83
C TRP A 73 -16.86 19.37 -2.08
N ASN A 74 -18.08 19.83 -1.91
CA ASN A 74 -18.97 20.10 -3.01
C ASN A 74 -18.61 21.45 -3.63
N ASP A 75 -17.53 21.44 -4.38
CA ASP A 75 -16.87 22.61 -4.91
C ASP A 75 -16.88 22.56 -6.44
N PRO A 76 -17.52 23.51 -7.10
CA PRO A 76 -17.60 23.43 -8.56
C PRO A 76 -16.26 23.45 -9.23
N VAL A 77 -15.36 24.19 -8.68
CA VAL A 77 -14.05 24.32 -9.32
C VAL A 77 -13.30 23.01 -9.23
N GLN A 78 -13.27 22.42 -8.05
CA GLN A 78 -12.59 21.15 -7.90
C GLN A 78 -13.29 20.06 -8.73
N ILE A 79 -14.62 20.09 -8.79
CA ILE A 79 -15.36 19.13 -9.63
C ILE A 79 -14.98 19.23 -11.12
N LYS A 80 -14.92 20.45 -11.63
CA LYS A 80 -14.53 20.73 -13.02
C LYS A 80 -13.16 20.11 -13.32
N GLN A 81 -12.21 20.32 -12.43
CA GLN A 81 -10.84 19.84 -12.65
C GLN A 81 -10.77 18.32 -12.63
N LEU A 82 -11.52 17.71 -11.71
CA LEU A 82 -11.62 16.26 -11.69
C LEU A 82 -12.24 15.67 -12.94
N LEU A 83 -13.31 16.29 -13.43
CA LEU A 83 -13.96 15.85 -14.67
C LEU A 83 -13.00 15.97 -15.86
N ASP A 84 -12.25 17.04 -15.92
CA ASP A 84 -11.31 17.20 -17.05
C ASP A 84 -10.21 16.13 -17.12
N VAL A 85 -9.71 15.66 -15.97
CA VAL A 85 -8.74 14.55 -15.99
C VAL A 85 -9.39 13.21 -16.23
N GLY A 86 -10.72 13.19 -16.38
CA GLY A 86 -11.42 12.00 -16.83
C GLY A 86 -12.39 11.38 -15.83
N THR A 87 -12.64 12.05 -14.72
CA THR A 87 -13.56 11.49 -13.69
C THR A 87 -15.00 11.50 -14.23
N GLN A 88 -15.71 10.37 -14.18
CA GLN A 88 -17.12 10.33 -14.61
C GLN A 88 -18.11 9.99 -13.49
N THR A 89 -17.59 9.44 -12.38
CA THR A 89 -18.43 9.14 -11.22
C THR A 89 -17.88 9.80 -9.95
N LEU A 90 -18.70 10.65 -9.36
CA LEU A 90 -18.30 11.46 -8.20
C LEU A 90 -19.10 11.09 -6.97
N LEU A 91 -18.42 10.97 -5.83
CA LEU A 91 -19.06 10.86 -4.54
C LEU A 91 -18.85 12.16 -3.75
N VAL A 92 -19.91 12.97 -3.62
CA VAL A 92 -19.79 14.32 -3.10
C VAL A 92 -20.13 14.41 -1.59
N PRO A 93 -19.16 14.81 -0.76
CA PRO A 93 -19.39 14.83 0.70
C PRO A 93 -20.31 15.96 1.18
N MET A 94 -20.92 15.71 2.33
CA MET A 94 -21.68 16.73 3.08
C MET A 94 -22.72 17.45 2.26
N VAL A 95 -23.56 16.69 1.57
CA VAL A 95 -24.66 17.29 0.85
C VAL A 95 -25.86 17.31 1.82
N GLN A 96 -26.30 18.51 2.18
CA GLN A 96 -27.25 18.72 3.29
C GLN A 96 -28.69 18.97 2.85
N ASN A 97 -28.90 19.36 1.60
CA ASN A 97 -30.22 19.71 1.13
C ASN A 97 -30.30 19.62 -0.37
N ALA A 98 -31.49 19.86 -0.92
CA ALA A 98 -31.71 19.71 -2.35
C ALA A 98 -30.95 20.73 -3.20
N ASP A 99 -30.78 21.92 -2.67
CA ASP A 99 -30.07 22.97 -3.39
C ASP A 99 -28.61 22.55 -3.57
N GLU A 100 -28.01 22.02 -2.51
CA GLU A 100 -26.62 21.53 -2.60
C GLU A 100 -26.50 20.33 -3.55
N ALA A 101 -27.48 19.43 -3.54
CA ALA A 101 -27.49 18.32 -4.48
C ALA A 101 -27.54 18.82 -5.93
N ARG A 102 -28.40 19.79 -6.17
CA ARG A 102 -28.56 20.37 -7.49
C ARG A 102 -27.25 21.06 -7.96
N GLU A 103 -26.56 21.74 -7.06
CA GLU A 103 -25.27 22.38 -7.42
C GLU A 103 -24.24 21.34 -7.83
N ALA A 104 -24.21 20.22 -7.13
CA ALA A 104 -23.32 19.12 -7.47
C ALA A 104 -23.63 18.61 -8.86
N VAL A 105 -24.91 18.35 -9.14
CA VAL A 105 -25.29 17.86 -10.46
C VAL A 105 -24.93 18.86 -11.57
N ARG A 106 -25.23 20.13 -11.38
CA ARG A 106 -24.99 21.13 -12.42
C ARG A 106 -23.49 21.36 -12.67
N ALA A 107 -22.68 21.18 -11.64
CA ALA A 107 -21.23 21.29 -11.79
C ALA A 107 -20.69 20.27 -12.78
N THR A 108 -21.43 19.18 -13.02
CA THR A 108 -20.95 18.10 -13.88
C THR A 108 -21.46 18.15 -15.31
N ARG A 109 -22.32 19.13 -15.60
CA ARG A 109 -23.05 19.17 -16.86
C ARG A 109 -22.80 20.47 -17.65
N TYR A 110 -22.58 20.31 -18.95
CA TYR A 110 -22.34 21.43 -19.83
C TYR A 110 -23.63 22.23 -19.98
N PRO A 111 -23.51 23.55 -20.22
CA PRO A 111 -24.70 24.37 -20.45
C PRO A 111 -25.49 23.79 -21.60
N PRO A 112 -26.82 23.94 -21.57
CA PRO A 112 -27.57 24.70 -20.56
C PRO A 112 -27.88 23.88 -19.31
N ALA A 113 -27.67 22.56 -19.38
CA ALA A 113 -28.02 21.67 -18.27
C ALA A 113 -27.17 21.93 -17.03
N GLY A 114 -26.04 22.62 -17.18
CA GLY A 114 -25.19 22.89 -16.04
C GLY A 114 -24.22 24.00 -16.29
N ILE A 115 -23.20 24.10 -15.45
CA ILE A 115 -22.23 25.19 -15.53
C ILE A 115 -20.81 24.69 -15.76
N ARG A 116 -20.68 23.45 -16.23
CA ARG A 116 -19.37 22.88 -16.47
C ARG A 116 -18.63 23.73 -17.50
N GLY A 117 -17.45 24.24 -17.13
CA GLY A 117 -16.63 24.99 -18.06
C GLY A 117 -16.01 24.12 -19.14
N VAL A 118 -15.94 24.65 -20.35
CA VAL A 118 -15.38 23.93 -21.48
C VAL A 118 -13.87 24.11 -21.62
N GLY A 119 -13.18 22.99 -21.81
CA GLY A 119 -11.76 22.91 -21.94
C GLY A 119 -11.37 21.56 -22.53
N SER A 120 -12.15 21.11 -23.51
CA SER A 120 -11.99 19.79 -24.14
C SER A 120 -10.61 19.50 -24.75
N ALA A 121 -10.06 20.43 -25.51
CA ALA A 121 -8.75 20.26 -26.14
C ALA A 121 -7.67 19.84 -25.15
N LEU A 122 -7.74 20.38 -23.94
CA LEU A 122 -6.70 20.15 -22.94
C LEU A 122 -6.91 18.89 -22.10
N ALA A 123 -8.04 18.24 -22.24
CA ALA A 123 -8.45 17.35 -21.18
C ALA A 123 -8.37 15.89 -21.58
N ARG A 124 -7.87 15.09 -20.65
CA ARG A 124 -7.97 13.64 -20.78
C ARG A 124 -9.44 13.20 -20.96
N ALA A 125 -10.37 13.97 -20.42
CA ALA A 125 -11.79 13.61 -20.48
C ALA A 125 -12.25 13.27 -21.92
N SER A 126 -11.86 14.09 -22.89
CA SER A 126 -12.23 13.87 -24.29
C SER A 126 -11.16 13.09 -25.06
N ARG A 127 -10.17 12.60 -24.32
CA ARG A 127 -8.90 12.10 -24.85
C ARG A 127 -8.31 13.09 -25.85
N TRP A 128 -8.22 14.32 -25.39
CA TRP A 128 -7.65 15.41 -26.14
C TRP A 128 -8.32 15.54 -27.49
N ASN A 129 -9.65 15.49 -27.44
CA ASN A 129 -10.53 15.66 -28.60
C ASN A 129 -10.61 14.52 -29.56
N ARG A 130 -10.17 13.36 -29.15
CA ARG A 130 -10.37 12.18 -29.95
C ARG A 130 -11.70 11.53 -29.81
N ILE A 131 -12.46 11.88 -28.80
CA ILE A 131 -13.72 11.26 -28.64
C ILE A 131 -14.63 12.13 -29.46
N PRO A 132 -15.23 11.54 -30.47
CA PRO A 132 -16.05 12.39 -31.31
C PRO A 132 -17.32 12.83 -30.61
N ASP A 133 -17.71 14.07 -30.80
CA ASP A 133 -18.97 14.56 -30.22
C ASP A 133 -18.95 14.45 -28.69
N TYR A 134 -17.80 14.68 -28.11
CA TYR A 134 -17.67 14.56 -26.67
C TYR A 134 -18.59 15.50 -25.94
N LEU A 135 -18.68 16.73 -26.37
CA LEU A 135 -19.44 17.73 -25.68
C LEU A 135 -20.88 17.33 -25.59
N GLN A 136 -21.36 16.60 -26.58
CA GLN A 136 -22.76 16.21 -26.67
C GLN A 136 -23.06 14.91 -25.93
N LYS A 137 -22.04 14.09 -25.71
CA LYS A 137 -22.22 12.79 -25.08
C LYS A 137 -21.87 12.81 -23.58
N ALA A 138 -21.12 13.82 -23.17
CA ALA A 138 -20.51 13.82 -21.83
C ALA A 138 -21.53 13.83 -20.70
N ASN A 139 -22.55 14.69 -20.79
CA ASN A 139 -23.52 14.86 -19.71
C ASN A 139 -24.17 13.53 -19.28
N ASP A 140 -24.65 12.76 -20.25
CA ASP A 140 -25.35 11.50 -19.95
C ASP A 140 -24.50 10.41 -19.30
N GLN A 141 -23.17 10.53 -19.36
CA GLN A 141 -22.33 9.51 -18.74
C GLN A 141 -21.76 9.98 -17.40
N MET A 142 -22.17 11.15 -16.93
CA MET A 142 -21.79 11.59 -15.60
C MET A 142 -22.72 10.96 -14.58
N CYS A 143 -22.14 10.46 -13.50
CA CYS A 143 -22.86 9.83 -12.40
C CYS A 143 -22.56 10.53 -11.08
N VAL A 144 -23.59 11.15 -10.50
CA VAL A 144 -23.45 11.92 -9.29
C VAL A 144 -24.06 11.19 -8.08
N LEU A 145 -23.19 10.91 -7.11
CA LEU A 145 -23.55 10.29 -5.84
C LEU A 145 -23.36 11.31 -4.73
N VAL A 146 -24.38 11.51 -3.88
CA VAL A 146 -24.27 12.51 -2.82
C VAL A 146 -24.27 11.86 -1.46
N GLN A 147 -23.43 12.36 -0.56
CA GLN A 147 -23.33 11.83 0.79
C GLN A 147 -24.24 12.57 1.76
N ILE A 148 -25.01 11.81 2.51
CA ILE A 148 -25.83 12.35 3.62
C ILE A 148 -25.19 11.86 4.92
N GLU A 149 -24.82 12.82 5.77
CA GLU A 149 -23.98 12.55 6.94
C GLU A 149 -24.45 13.25 8.23
N THR A 150 -25.62 13.86 8.20
CA THR A 150 -26.14 14.59 9.35
C THR A 150 -27.63 14.34 9.49
N ARG A 151 -28.17 14.64 10.68
CA ARG A 151 -29.61 14.59 10.88
C ARG A 151 -30.33 15.55 9.95
N GLU A 152 -29.73 16.69 9.70
CA GLU A 152 -30.34 17.67 8.78
C GLU A 152 -30.48 17.07 7.38
N ALA A 153 -29.43 16.39 6.91
CA ALA A 153 -29.47 15.77 5.59
C ALA A 153 -30.54 14.65 5.53
N MET A 154 -30.65 13.87 6.60
CA MET A 154 -31.66 12.82 6.67
C MET A 154 -33.06 13.41 6.55
N LYS A 155 -33.29 14.52 7.25
CA LYS A 155 -34.58 15.21 7.20
C LYS A 155 -34.92 15.66 5.80
N ASN A 156 -33.90 16.12 5.06
CA ASN A 156 -34.08 16.61 3.70
C ASN A 156 -34.03 15.54 2.59
N LEU A 157 -33.89 14.27 2.97
CA LEU A 157 -33.66 13.20 2.01
C LEU A 157 -34.73 13.10 0.90
N PRO A 158 -36.01 13.22 1.26
CA PRO A 158 -37.03 13.13 0.21
C PRO A 158 -36.83 14.18 -0.88
N GLN A 159 -36.45 15.38 -0.48
CA GLN A 159 -36.21 16.46 -1.43
C GLN A 159 -34.93 16.20 -2.24
N ILE A 160 -33.87 15.75 -1.57
CA ILE A 160 -32.64 15.39 -2.26
C ILE A 160 -32.91 14.31 -3.32
N LEU A 161 -33.71 13.31 -2.95
CA LEU A 161 -34.05 12.26 -3.89
C LEU A 161 -34.86 12.76 -5.09
N ASP A 162 -35.50 13.92 -4.96
CA ASP A 162 -36.26 14.45 -6.07
C ASP A 162 -35.40 15.21 -7.06
N VAL A 163 -34.10 15.33 -6.79
CA VAL A 163 -33.24 16.10 -7.67
C VAL A 163 -32.80 15.25 -8.85
N GLU A 164 -33.16 15.68 -10.06
CA GLU A 164 -32.78 14.95 -11.27
C GLU A 164 -31.26 15.03 -11.44
N GLY A 165 -30.64 13.90 -11.75
CA GLY A 165 -29.20 13.84 -11.88
C GLY A 165 -28.54 13.28 -10.63
N VAL A 166 -29.26 13.27 -9.50
CA VAL A 166 -28.77 12.54 -8.34
C VAL A 166 -29.02 11.05 -8.60
N ASP A 167 -27.96 10.30 -8.88
CA ASP A 167 -28.10 8.88 -9.23
C ASP A 167 -28.03 7.98 -8.03
N GLY A 168 -27.43 8.46 -6.95
CA GLY A 168 -27.31 7.66 -5.76
C GLY A 168 -27.09 8.50 -4.53
N VAL A 169 -27.41 7.91 -3.39
CA VAL A 169 -27.21 8.57 -2.10
C VAL A 169 -26.45 7.63 -1.19
N PHE A 170 -25.32 8.13 -0.72
CA PHE A 170 -24.39 7.38 0.10
C PHE A 170 -24.55 7.79 1.54
N ILE A 171 -24.58 6.82 2.44
CA ILE A 171 -24.68 7.14 3.87
C ILE A 171 -23.35 6.85 4.51
N GLY A 172 -22.83 7.84 5.23
CA GLY A 172 -21.57 7.69 5.95
C GLY A 172 -21.90 7.46 7.41
N PRO A 173 -21.77 6.20 7.88
CA PRO A 173 -22.25 5.85 9.22
C PRO A 173 -21.46 6.50 10.35
N ALA A 174 -20.17 6.70 10.15
CA ALA A 174 -19.32 7.27 11.17
C ALA A 174 -19.71 8.73 11.41
N ASP A 175 -19.82 9.51 10.32
CA ASP A 175 -20.16 10.92 10.41
C ASP A 175 -21.58 11.06 10.94
N LEU A 176 -22.46 10.20 10.45
CA LEU A 176 -23.86 10.24 10.89
C LEU A 176 -23.94 9.93 12.38
N SER A 177 -23.25 8.88 12.81
CA SER A 177 -23.32 8.53 14.23
C SER A 177 -22.75 9.68 15.07
N ALA A 178 -21.69 10.32 14.59
CA ALA A 178 -21.13 11.45 15.32
C ALA A 178 -22.18 12.56 15.42
N ASP A 179 -22.82 12.89 14.30
CA ASP A 179 -23.84 13.93 14.36
C ASP A 179 -24.99 13.57 15.30
N MET A 180 -25.28 12.29 15.45
CA MET A 180 -26.42 11.84 16.24
C MET A 180 -26.10 11.67 17.71
N GLY A 181 -24.85 11.87 18.08
CA GLY A 181 -24.46 11.73 19.46
C GLY A 181 -23.73 10.49 19.88
N TYR A 182 -23.39 9.64 18.95
CA TYR A 182 -22.74 8.40 19.26
C TYR A 182 -21.29 8.32 18.84
N ALA A 183 -20.67 9.45 18.61
CA ALA A 183 -19.20 9.51 18.50
C ALA A 183 -18.61 8.58 17.51
N GLY A 184 -19.21 8.46 16.37
CA GLY A 184 -18.55 7.79 15.27
C GLY A 184 -18.61 6.30 15.34
N ASN A 185 -19.28 5.77 16.36
CA ASN A 185 -19.56 4.37 16.43
C ASN A 185 -21.00 4.08 16.05
N PRO A 186 -21.18 3.56 14.85
CA PRO A 186 -22.51 3.34 14.27
C PRO A 186 -23.26 2.15 14.87
N GLN A 187 -22.63 1.39 15.77
CA GLN A 187 -23.29 0.23 16.35
C GLN A 187 -24.11 0.65 17.56
N HIS A 188 -25.21 1.34 17.26
CA HIS A 188 -26.21 1.73 18.23
C HIS A 188 -27.54 1.64 17.49
N PRO A 189 -28.57 1.14 18.18
CA PRO A 189 -29.84 0.85 17.49
C PRO A 189 -30.43 2.04 16.79
N GLU A 190 -30.33 3.22 17.37
CA GLU A 190 -30.91 4.43 16.77
C GLU A 190 -30.24 4.73 15.43
N VAL A 191 -28.93 4.48 15.38
CA VAL A 191 -28.16 4.80 14.19
C VAL A 191 -28.46 3.78 13.11
N GLN A 192 -28.50 2.49 13.47
CA GLN A 192 -28.81 1.46 12.48
C GLN A 192 -30.21 1.62 11.90
N ALA A 193 -31.16 2.02 12.75
CA ALA A 193 -32.52 2.29 12.31
C ALA A 193 -32.54 3.38 11.26
N ALA A 194 -31.85 4.48 11.55
CA ALA A 194 -31.78 5.58 10.59
C ALA A 194 -31.15 5.11 9.28
N ILE A 195 -30.06 4.36 9.37
CA ILE A 195 -29.38 3.88 8.16
C ILE A 195 -30.31 2.99 7.36
N GLU A 196 -30.91 2.01 8.03
CA GLU A 196 -31.84 1.09 7.37
C GLU A 196 -32.99 1.84 6.72
N GLN A 197 -33.55 2.81 7.43
CA GLN A 197 -34.68 3.57 6.88
C GLN A 197 -34.27 4.40 5.66
N ALA A 198 -33.08 5.00 5.72
CA ALA A 198 -32.57 5.72 4.54
C ALA A 198 -32.36 4.81 3.33
N ILE A 199 -31.72 3.67 3.53
CA ILE A 199 -31.47 2.75 2.43
C ILE A 199 -32.77 2.41 1.74
N VAL A 200 -33.81 2.15 2.53
CA VAL A 200 -35.11 1.76 1.96
C VAL A 200 -35.74 2.93 1.21
N GLN A 201 -35.76 4.10 1.83
CA GLN A 201 -36.33 5.26 1.18
C GLN A 201 -35.62 5.58 -0.15
N ILE A 202 -34.29 5.48 -0.14
CA ILE A 202 -33.52 5.73 -1.37
C ILE A 202 -33.93 4.73 -2.46
N ARG A 203 -33.93 3.45 -2.13
CA ARG A 203 -34.19 2.45 -3.14
C ARG A 203 -35.65 2.56 -3.65
N GLU A 204 -36.57 2.92 -2.76
CA GLU A 204 -37.98 3.09 -3.13
C GLU A 204 -38.17 4.27 -4.09
N SER A 205 -37.29 5.27 -4.02
CA SER A 205 -37.38 6.40 -4.96
C SER A 205 -36.84 6.08 -6.34
N GLY A 206 -36.31 4.89 -6.53
CA GLY A 206 -35.76 4.53 -7.82
C GLY A 206 -34.27 4.89 -7.95
N LYS A 207 -33.63 5.19 -6.82
CA LYS A 207 -32.21 5.59 -6.83
C LYS A 207 -31.35 4.60 -6.07
N ALA A 208 -30.03 4.74 -6.21
CA ALA A 208 -29.11 3.76 -5.66
C ALA A 208 -28.64 4.15 -4.28
N PRO A 209 -28.85 3.26 -3.28
CA PRO A 209 -28.23 3.52 -1.98
C PRO A 209 -26.81 2.99 -1.90
N GLY A 210 -25.96 3.71 -1.19
CA GLY A 210 -24.60 3.29 -0.99
C GLY A 210 -24.15 3.52 0.41
N ILE A 211 -23.08 2.83 0.78
CA ILE A 211 -22.52 2.89 2.10
C ILE A 211 -21.14 2.28 2.12
N LEU A 212 -20.32 2.72 3.07
CA LEU A 212 -19.06 2.10 3.40
C LEU A 212 -19.17 1.44 4.75
N ILE A 213 -18.80 0.18 4.81
CA ILE A 213 -18.86 -0.55 6.08
C ILE A 213 -17.86 -1.69 6.10
N ALA A 214 -16.96 -1.67 7.07
CA ALA A 214 -15.89 -2.67 7.18
C ALA A 214 -16.34 -4.00 7.84
N ASN A 215 -17.41 -3.94 8.62
CA ASN A 215 -18.01 -5.15 9.21
C ASN A 215 -18.77 -5.92 8.16
N GLU A 216 -18.31 -7.11 7.85
CA GLU A 216 -18.81 -7.84 6.72
C GLU A 216 -20.27 -8.31 6.91
N GLN A 217 -20.68 -8.58 8.15
CA GLN A 217 -22.07 -8.96 8.41
C GLN A 217 -22.99 -7.78 8.21
N LEU A 218 -22.59 -6.61 8.70
CA LEU A 218 -23.40 -5.42 8.44
C LEU A 218 -23.50 -5.13 6.96
N ALA A 219 -22.40 -5.28 6.23
CA ALA A 219 -22.42 -5.06 4.79
C ALA A 219 -23.42 -5.98 4.11
N LYS A 220 -23.41 -7.25 4.50
CA LYS A 220 -24.35 -8.21 3.88
C LYS A 220 -25.79 -7.84 4.23
N ARG A 221 -26.01 -7.41 5.47
CA ARG A 221 -27.34 -6.92 5.85
C ARG A 221 -27.79 -5.78 4.95
N TYR A 222 -26.90 -4.80 4.70
CA TYR A 222 -27.30 -3.66 3.87
C TYR A 222 -27.53 -4.04 2.43
N LEU A 223 -26.75 -4.99 1.93
CA LEU A 223 -26.98 -5.47 0.59
C LEU A 223 -28.36 -6.19 0.51
N GLU A 224 -28.65 -7.03 1.51
CA GLU A 224 -29.93 -7.79 1.56
C GLU A 224 -31.09 -6.80 1.53
N LEU A 225 -30.95 -5.69 2.25
CA LEU A 225 -31.96 -4.65 2.30
C LEU A 225 -32.15 -3.90 1.00
N GLY A 226 -31.16 -3.91 0.12
CA GLY A 226 -31.30 -3.18 -1.13
C GLY A 226 -30.21 -2.14 -1.47
N ALA A 227 -29.14 -2.04 -0.70
CA ALA A 227 -28.03 -1.12 -1.08
C ALA A 227 -27.36 -1.60 -2.39
N LEU A 228 -27.00 -0.65 -3.24
CA LEU A 228 -26.45 -0.98 -4.56
C LEU A 228 -24.97 -0.62 -4.78
N PHE A 229 -24.42 0.29 -3.98
CA PHE A 229 -22.97 0.49 -4.03
C PHE A 229 -22.39 0.47 -2.63
N VAL A 230 -21.84 -0.68 -2.30
CA VAL A 230 -21.38 -0.93 -0.94
C VAL A 230 -19.87 -1.15 -0.98
N ALA A 231 -19.16 -0.28 -0.29
CA ALA A 231 -17.73 -0.47 -0.12
C ALA A 231 -17.52 -1.29 1.13
N VAL A 232 -16.76 -2.37 1.00
CA VAL A 232 -16.69 -3.40 2.05
C VAL A 232 -15.35 -3.40 2.78
N GLY A 233 -14.48 -2.44 2.45
CA GLY A 233 -13.18 -2.35 3.12
C GLY A 233 -12.40 -1.14 2.62
N VAL A 234 -11.28 -0.88 3.29
CA VAL A 234 -10.41 0.27 3.03
C VAL A 234 -8.99 -0.26 2.88
N ASP A 235 -8.26 0.18 1.85
CA ASP A 235 -6.92 -0.34 1.62
C ASP A 235 -5.98 -0.21 2.82
N THR A 236 -5.99 0.94 3.47
CA THR A 236 -5.10 1.18 4.58
C THR A 236 -5.36 0.23 5.74
N THR A 237 -6.63 0.02 6.04
CA THR A 237 -7.05 -0.93 7.09
C THR A 237 -6.70 -2.38 6.76
N LEU A 238 -7.00 -2.82 5.53
CA LEU A 238 -6.61 -4.17 5.12
C LEU A 238 -5.13 -4.40 5.31
N LEU A 239 -4.31 -3.43 4.92
CA LEU A 239 -2.87 -3.59 5.02
C LEU A 239 -2.42 -3.59 6.47
N ALA A 240 -2.91 -2.62 7.24
CA ALA A 240 -2.47 -2.47 8.62
C ALA A 240 -2.86 -3.69 9.45
N ARG A 241 -4.09 -4.15 9.26
CA ARG A 241 -4.60 -5.24 10.10
C ARG A 241 -3.97 -6.58 9.73
N ALA A 242 -3.72 -6.81 8.43
CA ALA A 242 -3.01 -8.00 8.00
C ALA A 242 -1.56 -8.01 8.48
N ALA A 243 -0.90 -6.85 8.44
CA ALA A 243 0.47 -6.79 8.91
C ALA A 243 0.54 -7.02 10.43
N GLU A 244 -0.31 -6.35 11.18
CA GLU A 244 -0.31 -6.48 12.65
C GLU A 244 -0.60 -7.93 13.09
N ALA A 245 -1.58 -8.56 12.45
CA ALA A 245 -1.92 -9.96 12.74
C ALA A 245 -0.74 -10.86 12.46
N LEU A 246 -0.05 -10.63 11.35
CA LEU A 246 1.11 -11.41 11.02
C LEU A 246 2.23 -11.26 12.04
N ALA A 247 2.57 -10.04 12.42
CA ALA A 247 3.63 -9.84 13.39
C ALA A 247 3.24 -10.54 14.71
N ALA A 248 1.96 -10.42 15.07
CA ALA A 248 1.48 -10.99 16.34
C ALA A 248 1.65 -12.50 16.39
N ARG A 249 1.49 -13.18 15.26
CA ARG A 249 1.65 -14.63 15.23
C ARG A 249 3.07 -15.11 15.51
N PHE A 250 4.05 -14.21 15.46
CA PHE A 250 5.44 -14.57 15.74
C PHE A 250 5.93 -13.94 17.04
N GLY A 251 5.07 -13.20 17.71
CA GLY A 251 5.48 -12.44 18.88
C GLY A 251 6.09 -11.10 18.53
N MET B 1 23.67 6.56 17.34
CA MET B 1 23.67 5.89 16.01
C MET B 1 23.97 4.40 16.15
N GLU B 2 23.69 3.86 17.33
CA GLU B 2 23.84 2.44 17.60
C GLU B 2 22.94 1.66 16.67
N ASN B 3 23.45 0.59 16.09
CA ASN B 3 22.65 -0.28 15.25
C ASN B 3 22.05 -1.39 16.10
N SER B 4 20.79 -1.24 16.45
CA SER B 4 20.13 -2.14 17.37
C SER B 4 19.77 -3.48 16.73
N PHE B 5 19.51 -3.46 15.42
CA PHE B 5 19.30 -4.72 14.70
C PHE B 5 20.56 -5.57 14.75
N LYS B 6 21.70 -4.96 14.45
CA LYS B 6 22.99 -5.62 14.49
C LYS B 6 23.31 -6.21 15.90
N ALA B 7 23.04 -5.43 16.94
CA ALA B 7 23.23 -5.87 18.32
C ALA B 7 22.31 -7.07 18.67
N ALA B 8 21.07 -7.04 18.19
CA ALA B 8 20.15 -8.14 18.43
C ALA B 8 20.64 -9.44 17.80
N LEU B 9 21.10 -9.40 16.54
CA LEU B 9 21.62 -10.59 15.88
C LEU B 9 22.82 -11.12 16.66
N LYS B 10 23.69 -10.22 17.07
CA LYS B 10 24.90 -10.64 17.77
C LYS B 10 24.56 -11.33 19.11
N ALA B 11 23.46 -10.90 19.72
CA ALA B 11 23.02 -11.41 21.01
C ALA B 11 22.14 -12.64 20.86
N GLY B 12 21.92 -13.08 19.63
CA GLY B 12 21.09 -14.25 19.37
C GLY B 12 19.60 -14.07 19.53
N ARG B 13 19.14 -12.82 19.45
CA ARG B 13 17.71 -12.54 19.54
C ARG B 13 17.05 -12.54 18.15
N PRO B 14 16.16 -13.50 17.87
CA PRO B 14 15.54 -13.55 16.55
C PRO B 14 14.72 -12.30 16.23
N GLN B 15 14.83 -11.85 14.98
CA GLN B 15 14.21 -10.61 14.49
C GLN B 15 13.21 -10.95 13.40
N ILE B 16 11.96 -10.61 13.64
CA ILE B 16 10.86 -10.94 12.74
C ILE B 16 10.61 -9.73 11.83
N GLY B 17 10.51 -9.98 10.52
CA GLY B 17 10.55 -8.89 9.54
C GLY B 17 9.45 -8.93 8.51
N LEU B 18 9.24 -7.78 7.85
CA LEU B 18 8.30 -7.66 6.75
C LEU B 18 9.03 -7.01 5.56
N TRP B 19 8.77 -7.53 4.38
CA TRP B 19 9.39 -7.04 3.15
C TRP B 19 8.56 -5.88 2.60
N LEU B 20 9.22 -4.79 2.22
CA LEU B 20 8.52 -3.63 1.66
C LEU B 20 8.85 -3.42 0.18
N GLY B 21 7.87 -3.73 -0.65
CA GLY B 21 7.92 -3.51 -2.09
C GLY B 21 6.95 -2.44 -2.60
N LEU B 22 6.17 -1.79 -1.72
CA LEU B 22 5.19 -0.80 -2.20
C LEU B 22 5.85 0.52 -2.60
N SER B 23 7.10 0.70 -2.20
CA SER B 23 7.95 1.81 -2.69
C SER B 23 7.35 3.16 -2.38
N SER B 24 6.74 3.26 -1.20
CA SER B 24 6.04 4.46 -0.77
C SER B 24 6.39 4.81 0.65
N SER B 25 6.66 6.09 0.91
CA SER B 25 6.97 6.53 2.28
C SER B 25 5.71 6.50 3.15
N TYR B 26 4.55 6.54 2.50
CA TYR B 26 3.31 6.58 3.23
C TYR B 26 2.94 5.18 3.81
N SER B 27 2.90 4.16 2.95
CA SER B 27 2.68 2.78 3.42
C SER B 27 3.84 2.28 4.30
N ALA B 28 5.07 2.75 4.05
CA ALA B 28 6.16 2.44 4.97
C ALA B 28 5.89 2.90 6.41
N GLU B 29 5.38 4.12 6.59
CA GLU B 29 5.07 4.58 7.95
C GLU B 29 3.97 3.73 8.57
N LEU B 30 2.92 3.48 7.79
CA LEU B 30 1.82 2.64 8.24
C LEU B 30 2.32 1.28 8.74
N LEU B 31 3.22 0.66 7.97
CA LEU B 31 3.72 -0.63 8.31
C LEU B 31 4.75 -0.59 9.42
N ALA B 32 5.42 0.55 9.60
CA ALA B 32 6.41 0.72 10.66
C ALA B 32 5.78 0.63 12.06
N GLY B 33 4.48 0.87 12.14
CA GLY B 33 3.71 0.80 13.38
C GLY B 33 3.06 -0.54 13.66
N ALA B 34 3.33 -1.54 12.82
CA ALA B 34 2.63 -2.83 12.87
C ALA B 34 3.22 -3.88 13.83
N GLY B 35 4.40 -3.60 14.36
CA GLY B 35 5.03 -4.46 15.35
C GLY B 35 6.16 -5.37 14.88
N PHE B 36 6.70 -5.19 13.67
CA PHE B 36 7.88 -5.98 13.27
C PHE B 36 9.17 -5.47 13.86
N ASP B 37 10.14 -6.36 14.01
CA ASP B 37 11.45 -5.99 14.46
C ASP B 37 12.23 -5.27 13.35
N TRP B 38 12.00 -5.70 12.12
CA TRP B 38 12.70 -5.09 10.98
C TRP B 38 11.84 -5.03 9.72
N LEU B 39 12.27 -4.14 8.83
CA LEU B 39 11.56 -3.88 7.59
C LEU B 39 12.60 -3.83 6.48
N LEU B 40 12.33 -4.53 5.39
CA LEU B 40 13.27 -4.63 4.28
C LEU B 40 12.82 -3.71 3.15
N ILE B 41 13.58 -2.62 2.92
CA ILE B 41 13.32 -1.74 1.77
C ILE B 41 14.04 -2.29 0.54
N ASP B 42 13.25 -2.80 -0.40
CA ASP B 42 13.80 -3.57 -1.51
C ASP B 42 14.15 -2.69 -2.70
N GLY B 43 15.42 -2.45 -2.90
CA GLY B 43 15.92 -1.76 -4.07
C GLY B 43 16.28 -2.62 -5.26
N GLU B 44 16.09 -3.92 -5.14
CA GLU B 44 16.36 -4.84 -6.22
C GLU B 44 15.15 -5.21 -7.05
N HIS B 45 14.05 -5.61 -6.42
CA HIS B 45 12.89 -6.11 -7.09
C HIS B 45 11.66 -5.23 -6.99
N ALA B 46 11.79 -4.05 -6.41
CA ALA B 46 10.74 -3.08 -6.30
C ALA B 46 11.30 -1.75 -6.89
N PRO B 47 10.40 -0.90 -7.39
CA PRO B 47 10.81 0.36 -8.04
C PRO B 47 11.27 1.46 -7.07
N ASN B 48 12.29 1.16 -6.32
CA ASN B 48 12.95 2.13 -5.45
C ASN B 48 14.28 2.63 -6.00
N ASN B 49 14.73 3.79 -5.50
CA ASN B 49 16.06 4.28 -5.78
C ASN B 49 16.58 4.97 -4.51
N VAL B 50 17.75 5.59 -4.59
CA VAL B 50 18.34 6.17 -3.38
C VAL B 50 17.37 7.16 -2.77
N GLN B 51 16.75 7.96 -3.61
CA GLN B 51 15.80 8.95 -3.11
C GLN B 51 14.53 8.39 -2.43
N THR B 52 13.93 7.30 -2.95
CA THR B 52 12.77 6.75 -2.28
C THR B 52 13.17 5.97 -0.99
N VAL B 53 14.38 5.41 -1.00
CA VAL B 53 14.92 4.79 0.24
C VAL B 53 15.02 5.85 1.34
N LEU B 54 15.56 7.00 0.95
CA LEU B 54 15.67 8.11 1.90
C LEU B 54 14.34 8.46 2.54
N THR B 55 13.28 8.65 1.73
CA THR B 55 12.00 9.04 2.28
C THR B 55 11.38 7.92 3.14
N GLN B 56 11.61 6.67 2.76
CA GLN B 56 11.16 5.57 3.60
C GLN B 56 11.91 5.48 4.94
N LEU B 57 13.21 5.75 4.93
CA LEU B 57 14.00 5.79 6.17
C LEU B 57 13.47 6.91 7.07
N GLN B 58 13.12 8.05 6.47
CA GLN B 58 12.57 9.16 7.26
C GLN B 58 11.23 8.79 7.87
N ALA B 59 10.43 8.06 7.11
CA ALA B 59 9.12 7.71 7.60
C ALA B 59 9.20 6.70 8.77
N ILE B 60 10.09 5.73 8.64
CA ILE B 60 10.25 4.66 9.65
C ILE B 60 10.93 5.13 10.94
N ALA B 61 11.74 6.18 10.81
CA ALA B 61 12.67 6.61 11.87
C ALA B 61 12.09 6.67 13.30
N PRO B 62 10.90 7.26 13.50
CA PRO B 62 10.46 7.35 14.91
C PRO B 62 9.90 6.06 15.50
N TYR B 63 9.81 5.00 14.69
CA TYR B 63 9.20 3.75 15.14
C TYR B 63 10.30 2.78 15.58
N PRO B 64 9.90 1.72 16.33
CA PRO B 64 10.86 0.74 16.84
C PRO B 64 11.41 -0.19 15.76
N SER B 65 10.63 -0.43 14.71
CA SER B 65 11.07 -1.32 13.62
C SER B 65 12.32 -0.77 12.94
N GLN B 66 13.33 -1.62 12.75
CA GLN B 66 14.57 -1.20 12.17
C GLN B 66 14.62 -1.46 10.65
N PRO B 67 15.07 -0.46 9.88
CA PRO B 67 15.19 -0.63 8.43
C PRO B 67 16.44 -1.39 8.04
N VAL B 68 16.26 -2.18 6.99
CA VAL B 68 17.31 -2.87 6.28
C VAL B 68 17.08 -2.57 4.81
N VAL B 69 18.13 -2.32 4.06
CA VAL B 69 17.99 -1.94 2.67
C VAL B 69 18.73 -2.93 1.78
N ARG B 70 18.04 -3.35 0.72
CA ARG B 70 18.62 -4.20 -0.28
C ARG B 70 18.98 -3.41 -1.56
N PRO B 71 20.26 -3.26 -1.85
CA PRO B 71 20.65 -2.59 -3.10
C PRO B 71 20.36 -3.52 -4.29
N SER B 72 20.35 -2.97 -5.49
CA SER B 72 20.04 -3.76 -6.66
C SER B 72 21.11 -4.79 -6.99
N TRP B 73 22.32 -4.50 -6.58
CA TRP B 73 23.42 -5.41 -6.62
C TRP B 73 24.56 -5.01 -5.69
N ASN B 74 25.59 -5.82 -5.64
CA ASN B 74 26.74 -5.58 -4.83
C ASN B 74 27.64 -4.58 -5.53
N ASP B 75 27.22 -3.33 -5.52
CA ASP B 75 27.84 -2.26 -6.23
C ASP B 75 28.33 -1.27 -5.23
N PRO B 76 29.62 -1.03 -5.18
CA PRO B 76 30.12 -0.15 -4.12
C PRO B 76 29.64 1.30 -4.27
N VAL B 77 29.32 1.72 -5.50
CA VAL B 77 28.86 3.10 -5.71
C VAL B 77 27.45 3.25 -5.14
N GLN B 78 26.57 2.31 -5.46
CA GLN B 78 25.23 2.31 -4.89
C GLN B 78 25.24 2.17 -3.37
N ILE B 79 26.11 1.29 -2.87
CA ILE B 79 26.25 1.13 -1.43
C ILE B 79 26.66 2.43 -0.74
N LYS B 80 27.67 3.12 -1.27
CA LYS B 80 28.12 4.41 -0.76
C LYS B 80 26.94 5.39 -0.65
N GLN B 81 26.15 5.48 -1.73
CA GLN B 81 25.02 6.39 -1.74
C GLN B 81 23.95 6.06 -0.70
N LEU B 82 23.66 4.78 -0.53
CA LEU B 82 22.66 4.33 0.43
C LEU B 82 23.17 4.58 1.85
N LEU B 83 24.46 4.38 2.06
CA LEU B 83 25.03 4.63 3.39
C LEU B 83 24.94 6.14 3.72
N ASP B 84 25.18 6.99 2.73
CA ASP B 84 25.16 8.43 3.04
C ASP B 84 23.78 8.96 3.40
N VAL B 85 22.71 8.37 2.87
CA VAL B 85 21.36 8.78 3.24
C VAL B 85 20.90 8.15 4.57
N GLY B 86 21.77 7.31 5.16
CA GLY B 86 21.59 6.86 6.53
C GLY B 86 21.41 5.34 6.68
N THR B 87 21.58 4.57 5.61
CA THR B 87 21.46 3.11 5.70
C THR B 87 22.58 2.56 6.58
N GLN B 88 22.23 1.74 7.57
CA GLN B 88 23.24 1.04 8.38
C GLN B 88 23.25 -0.51 8.25
N THR B 89 22.19 -1.07 7.70
CA THR B 89 22.09 -2.52 7.54
C THR B 89 21.70 -2.81 6.12
N LEU B 90 22.54 -3.58 5.44
CA LEU B 90 22.41 -3.88 4.01
C LEU B 90 22.22 -5.36 3.79
N LEU B 91 21.32 -5.69 2.89
CA LEU B 91 21.13 -7.05 2.42
C LEU B 91 21.59 -7.09 0.96
N VAL B 92 22.76 -7.67 0.73
CA VAL B 92 23.43 -7.62 -0.56
C VAL B 92 23.10 -8.85 -1.41
N PRO B 93 22.48 -8.64 -2.58
CA PRO B 93 22.11 -9.80 -3.41
C PRO B 93 23.25 -10.50 -4.13
N MET B 94 23.01 -11.77 -4.48
CA MET B 94 23.91 -12.53 -5.35
C MET B 94 25.37 -12.47 -4.99
N VAL B 95 25.66 -12.74 -3.72
CA VAL B 95 27.02 -12.90 -3.28
C VAL B 95 27.46 -14.36 -3.48
N GLN B 96 28.41 -14.57 -4.40
CA GLN B 96 28.75 -15.91 -4.90
C GLN B 96 29.94 -16.55 -4.22
N ASN B 97 30.77 -15.74 -3.57
CA ASN B 97 32.02 -16.22 -3.01
C ASN B 97 32.58 -15.27 -1.98
N ALA B 98 33.66 -15.68 -1.34
CA ALA B 98 34.26 -14.90 -0.28
C ALA B 98 34.84 -13.56 -0.75
N ASP B 99 35.42 -13.51 -1.95
CA ASP B 99 35.90 -12.23 -2.48
C ASP B 99 34.75 -11.21 -2.62
N GLU B 100 33.61 -11.65 -3.12
CA GLU B 100 32.45 -10.77 -3.27
C GLU B 100 31.90 -10.35 -1.90
N ALA B 101 31.92 -11.25 -0.93
CA ALA B 101 31.48 -10.88 0.41
C ALA B 101 32.41 -9.82 1.02
N ARG B 102 33.70 -10.00 0.81
CA ARG B 102 34.71 -9.05 1.29
C ARG B 102 34.49 -7.66 0.67
N GLU B 103 34.23 -7.64 -0.63
CA GLU B 103 33.96 -6.41 -1.37
C GLU B 103 32.73 -5.67 -0.80
N ALA B 104 31.68 -6.41 -0.47
CA ALA B 104 30.52 -5.82 0.18
C ALA B 104 30.88 -5.19 1.53
N VAL B 105 31.61 -5.91 2.39
CA VAL B 105 32.00 -5.40 3.69
C VAL B 105 32.83 -4.11 3.53
N ARG B 106 33.83 -4.18 2.65
CA ARG B 106 34.75 -3.06 2.46
C ARG B 106 34.05 -1.83 1.87
N ALA B 107 32.98 -2.04 1.12
CA ALA B 107 32.23 -0.91 0.57
C ALA B 107 31.56 -0.10 1.69
N THR B 108 31.39 -0.72 2.86
CA THR B 108 30.68 -0.06 3.96
C THR B 108 31.59 0.59 5.01
N ARG B 109 32.91 0.46 4.83
CA ARG B 109 33.85 0.91 5.85
C ARG B 109 34.83 1.94 5.30
N TYR B 110 35.03 2.97 6.10
CA TYR B 110 36.02 4.01 5.82
C TYR B 110 37.41 3.43 5.90
N PRO B 111 38.35 4.00 5.12
CA PRO B 111 39.74 3.54 5.17
C PRO B 111 40.24 3.65 6.61
N PRO B 112 41.17 2.78 7.00
CA PRO B 112 41.81 1.77 6.16
C PRO B 112 40.99 0.47 6.02
N ALA B 113 39.94 0.31 6.84
CA ALA B 113 39.15 -0.94 6.84
C ALA B 113 38.35 -1.15 5.56
N GLY B 114 38.13 -0.09 4.79
CA GLY B 114 37.39 -0.22 3.54
C GLY B 114 37.62 0.94 2.58
N ILE B 115 36.72 1.06 1.62
CA ILE B 115 36.87 2.03 0.55
C ILE B 115 35.71 3.02 0.52
N ARG B 116 34.97 3.11 1.62
CA ARG B 116 33.82 4.00 1.66
C ARG B 116 34.29 5.45 1.45
N GLY B 117 33.69 6.15 0.50
CA GLY B 117 34.05 7.52 0.20
C GLY B 117 33.49 8.49 1.24
N VAL B 118 34.23 9.57 1.50
CA VAL B 118 33.87 10.51 2.56
C VAL B 118 33.10 11.73 2.06
N GLY B 119 31.97 11.98 2.70
CA GLY B 119 31.07 13.07 2.37
C GLY B 119 30.10 13.37 3.51
N SER B 120 30.60 13.45 4.75
CA SER B 120 29.73 13.59 5.94
C SER B 120 28.98 14.92 6.08
N ALA B 121 29.59 16.01 5.66
CA ALA B 121 28.92 17.30 5.71
C ALA B 121 27.59 17.24 4.95
N LEU B 122 27.56 16.42 3.91
CA LEU B 122 26.39 16.37 3.02
C LEU B 122 25.34 15.37 3.43
N ALA B 123 25.66 14.50 4.38
CA ALA B 123 24.92 13.27 4.47
C ALA B 123 24.02 13.21 5.69
N ARG B 124 22.82 12.70 5.48
CA ARG B 124 21.96 12.37 6.57
C ARG B 124 22.66 11.40 7.54
N ALA B 125 23.59 10.59 7.03
CA ALA B 125 24.25 9.55 7.88
C ALA B 125 24.89 10.15 9.14
N SER B 126 25.57 11.28 8.99
CA SER B 126 26.16 11.97 10.14
C SER B 126 25.24 13.02 10.76
N ARG B 127 23.99 13.04 10.28
CA ARG B 127 23.06 14.14 10.51
C ARG B 127 23.76 15.48 10.22
N TRP B 128 24.35 15.57 9.06
CA TRP B 128 25.02 16.75 8.59
C TRP B 128 26.06 17.25 9.55
N ASN B 129 26.83 16.30 10.05
CA ASN B 129 27.97 16.53 10.95
C ASN B 129 27.62 16.87 12.37
N ARG B 130 26.38 16.65 12.76
CA ARG B 130 25.98 16.70 14.14
C ARG B 130 26.38 15.56 15.01
N ILE B 131 26.56 14.39 14.45
CA ILE B 131 26.92 13.25 15.26
C ILE B 131 28.42 13.38 15.54
N PRO B 132 28.78 13.50 16.84
CA PRO B 132 30.18 13.69 17.22
C PRO B 132 31.07 12.50 16.84
N ASP B 133 32.20 12.75 16.18
CA ASP B 133 33.13 11.67 15.84
C ASP B 133 32.48 10.64 14.93
N TYR B 134 31.60 11.09 14.04
CA TYR B 134 30.89 10.18 13.17
C TYR B 134 31.87 9.28 12.45
N LEU B 135 32.90 9.87 11.87
CA LEU B 135 33.87 9.11 11.08
C LEU B 135 34.48 7.97 11.88
N GLN B 136 34.68 8.19 13.18
CA GLN B 136 35.32 7.20 14.02
C GLN B 136 34.35 6.13 14.50
N LYS B 137 33.05 6.42 14.53
CA LYS B 137 32.08 5.48 15.09
C LYS B 137 31.29 4.70 14.02
N ALA B 138 31.33 5.15 12.77
CA ALA B 138 30.44 4.61 11.77
C ALA B 138 30.73 3.14 11.43
N ASN B 139 31.99 2.78 11.25
CA ASN B 139 32.31 1.43 10.75
C ASN B 139 31.67 0.33 11.61
N ASP B 140 31.78 0.48 12.93
CA ASP B 140 31.31 -0.53 13.86
C ASP B 140 29.80 -0.67 13.92
N GLN B 141 29.07 0.31 13.41
CA GLN B 141 27.62 0.20 13.41
C GLN B 141 27.05 -0.27 12.05
N MET B 142 27.91 -0.56 11.09
CA MET B 142 27.44 -1.13 9.83
C MET B 142 27.19 -2.63 10.02
N CYS B 143 26.10 -3.09 9.44
CA CYS B 143 25.71 -4.49 9.49
C CYS B 143 25.50 -5.02 8.07
N VAL B 144 26.36 -5.94 7.65
CA VAL B 144 26.34 -6.49 6.33
C VAL B 144 25.80 -7.92 6.31
N LEU B 145 24.73 -8.10 5.54
CA LEU B 145 24.05 -9.38 5.35
C LEU B 145 24.20 -9.74 3.87
N VAL B 146 24.68 -10.94 3.58
CA VAL B 146 24.89 -11.33 2.18
C VAL B 146 23.94 -12.45 1.78
N GLN B 147 23.43 -12.38 0.55
CA GLN B 147 22.48 -13.36 0.03
C GLN B 147 23.19 -14.48 -0.74
N ILE B 148 22.90 -15.71 -0.37
CA ILE B 148 23.40 -16.85 -1.13
C ILE B 148 22.22 -17.41 -1.91
N GLU B 149 22.39 -17.50 -3.22
CA GLU B 149 21.23 -17.71 -4.08
C GLU B 149 21.46 -18.76 -5.17
N THR B 150 22.62 -19.38 -5.16
CA THR B 150 22.98 -20.35 -6.19
C THR B 150 23.71 -21.54 -5.59
N ARG B 151 23.83 -22.62 -6.36
CA ARG B 151 24.61 -23.75 -5.90
C ARG B 151 26.06 -23.36 -5.70
N GLU B 152 26.55 -22.49 -6.56
CA GLU B 152 27.92 -22.00 -6.43
C GLU B 152 28.12 -21.34 -5.05
N ALA B 153 27.18 -20.47 -4.68
CA ALA B 153 27.28 -19.75 -3.40
C ALA B 153 27.21 -20.73 -2.21
N MET B 154 26.32 -21.71 -2.31
CA MET B 154 26.25 -22.77 -1.30
C MET B 154 27.59 -23.52 -1.15
N LYS B 155 28.24 -23.83 -2.27
CA LYS B 155 29.55 -24.48 -2.21
C LYS B 155 30.60 -23.62 -1.47
N ASN B 156 30.55 -22.30 -1.71
CA ASN B 156 31.49 -21.37 -1.08
C ASN B 156 31.09 -20.87 0.31
N LEU B 157 30.00 -21.39 0.86
CA LEU B 157 29.50 -20.90 2.13
C LEU B 157 30.50 -20.93 3.27
N PRO B 158 31.30 -22.02 3.38
CA PRO B 158 32.26 -22.02 4.48
C PRO B 158 33.25 -20.85 4.39
N GLN B 159 33.70 -20.52 3.18
CA GLN B 159 34.65 -19.42 3.02
C GLN B 159 33.96 -18.08 3.26
N ILE B 160 32.71 -17.97 2.79
CA ILE B 160 31.95 -16.75 3.02
C ILE B 160 31.75 -16.49 4.52
N LEU B 161 31.47 -17.54 5.29
CA LEU B 161 31.29 -17.41 6.73
C LEU B 161 32.57 -16.98 7.46
N ASP B 162 33.72 -17.27 6.86
CA ASP B 162 35.01 -16.87 7.40
C ASP B 162 35.35 -15.38 7.18
N VAL B 163 34.51 -14.65 6.45
CA VAL B 163 34.80 -13.25 6.14
C VAL B 163 34.39 -12.33 7.30
N GLU B 164 35.38 -11.64 7.84
CA GLU B 164 35.13 -10.69 8.92
C GLU B 164 34.25 -9.55 8.40
N GLY B 165 33.23 -9.18 9.16
CA GLY B 165 32.29 -8.14 8.75
C GLY B 165 31.02 -8.68 8.12
N VAL B 166 31.03 -9.93 7.68
CA VAL B 166 29.78 -10.56 7.24
C VAL B 166 29.05 -10.94 8.52
N ASP B 167 27.96 -10.24 8.83
CA ASP B 167 27.27 -10.46 10.09
C ASP B 167 26.15 -11.48 9.94
N GLY B 168 25.70 -11.66 8.71
CA GLY B 168 24.58 -12.54 8.43
C GLY B 168 24.57 -13.06 7.01
N VAL B 169 23.99 -14.23 6.84
CA VAL B 169 23.87 -14.84 5.53
C VAL B 169 22.40 -15.18 5.32
N PHE B 170 21.87 -14.68 4.22
CA PHE B 170 20.46 -14.77 3.92
C PHE B 170 20.32 -15.73 2.75
N ILE B 171 19.37 -16.63 2.86
CA ILE B 171 19.10 -17.58 1.80
C ILE B 171 17.83 -17.18 1.08
N GLY B 172 17.90 -17.04 -0.24
CA GLY B 172 16.73 -16.67 -1.02
C GLY B 172 16.18 -17.92 -1.69
N PRO B 173 15.08 -18.47 -1.15
CA PRO B 173 14.57 -19.77 -1.60
C PRO B 173 14.13 -19.81 -3.06
N ALA B 174 13.53 -18.74 -3.55
CA ALA B 174 13.03 -18.68 -4.95
C ALA B 174 14.18 -18.76 -5.95
N ASP B 175 15.14 -17.86 -5.81
CA ASP B 175 16.34 -17.87 -6.63
C ASP B 175 17.12 -19.19 -6.49
N LEU B 176 17.26 -19.67 -5.27
CA LEU B 176 18.00 -20.89 -5.05
C LEU B 176 17.30 -22.05 -5.74
N SER B 177 15.98 -22.15 -5.57
CA SER B 177 15.25 -23.24 -6.18
C SER B 177 15.33 -23.16 -7.70
N ALA B 178 15.27 -21.94 -8.25
CA ALA B 178 15.43 -21.77 -9.70
C ALA B 178 16.80 -22.26 -10.15
N ASP B 179 17.86 -21.91 -9.46
CA ASP B 179 19.20 -22.35 -9.83
C ASP B 179 19.36 -23.86 -9.78
N MET B 180 18.61 -24.49 -8.88
CA MET B 180 18.71 -25.91 -8.63
C MET B 180 17.82 -26.73 -9.56
N GLY B 181 17.07 -26.06 -10.42
CA GLY B 181 16.25 -26.73 -11.40
C GLY B 181 14.80 -26.93 -11.07
N TYR B 182 14.38 -26.36 -9.97
CA TYR B 182 13.03 -26.56 -9.51
C TYR B 182 12.31 -25.31 -9.68
N ALA B 183 12.63 -24.63 -10.74
CA ALA B 183 12.37 -23.26 -10.86
C ALA B 183 10.94 -23.03 -10.60
N GLY B 184 10.50 -22.04 -9.85
CA GLY B 184 11.17 -21.33 -8.78
C GLY B 184 10.44 -21.68 -7.51
N ASN B 185 9.93 -22.91 -7.47
CA ASN B 185 9.21 -23.45 -6.35
C ASN B 185 10.08 -24.22 -5.39
N PRO B 186 10.12 -23.72 -4.19
CA PRO B 186 11.08 -24.22 -3.23
C PRO B 186 10.58 -25.37 -2.37
N GLN B 187 9.38 -25.84 -2.61
CA GLN B 187 8.81 -27.00 -1.95
C GLN B 187 9.23 -28.29 -2.60
N HIS B 188 10.49 -28.62 -2.50
CA HIS B 188 10.99 -29.87 -2.89
C HIS B 188 12.01 -30.26 -1.91
N PRO B 189 12.07 -31.51 -1.59
CA PRO B 189 12.90 -31.97 -0.49
C PRO B 189 14.34 -31.54 -0.65
N GLU B 190 14.84 -31.49 -1.88
CA GLU B 190 16.27 -31.22 -2.04
C GLU B 190 16.61 -29.74 -1.83
N VAL B 191 15.65 -28.89 -2.15
CA VAL B 191 15.79 -27.46 -1.88
C VAL B 191 15.68 -27.23 -0.37
N GLN B 192 14.63 -27.78 0.25
CA GLN B 192 14.48 -27.64 1.70
C GLN B 192 15.68 -28.14 2.48
N ALA B 193 16.23 -29.29 2.06
CA ALA B 193 17.46 -29.79 2.63
C ALA B 193 18.63 -28.80 2.50
N ALA B 194 18.86 -28.27 1.31
CA ALA B 194 19.93 -27.28 1.12
C ALA B 194 19.72 -26.05 2.03
N ILE B 195 18.49 -25.57 2.08
CA ILE B 195 18.13 -24.42 2.92
C ILE B 195 18.40 -24.70 4.39
N GLU B 196 17.87 -25.81 4.88
CA GLU B 196 17.98 -26.11 6.28
C GLU B 196 19.39 -26.44 6.68
N GLN B 197 20.15 -27.10 5.80
CA GLN B 197 21.54 -27.38 6.09
C GLN B 197 22.33 -26.06 6.19
N ALA B 198 22.05 -25.14 5.27
CA ALA B 198 22.73 -23.83 5.32
C ALA B 198 22.43 -23.05 6.61
N ILE B 199 21.17 -23.03 7.03
CA ILE B 199 20.79 -22.34 8.27
C ILE B 199 21.60 -22.91 9.45
N VAL B 200 21.65 -24.23 9.55
CA VAL B 200 22.38 -24.86 10.64
C VAL B 200 23.85 -24.47 10.59
N GLN B 201 24.44 -24.55 9.41
CA GLN B 201 25.86 -24.27 9.24
C GLN B 201 26.21 -22.78 9.52
N ILE B 202 25.34 -21.90 9.07
CA ILE B 202 25.55 -20.47 9.32
C ILE B 202 25.54 -20.21 10.82
N ARG B 203 24.52 -20.70 11.50
CA ARG B 203 24.40 -20.44 12.94
C ARG B 203 25.57 -21.07 13.71
N GLU B 204 26.03 -22.21 13.21
CA GLU B 204 27.12 -22.93 13.86
C GLU B 204 28.40 -22.10 13.86
N SER B 205 28.57 -21.28 12.83
CA SER B 205 29.73 -20.41 12.68
C SER B 205 29.66 -19.16 13.56
N GLY B 206 28.53 -18.97 14.23
CA GLY B 206 28.36 -17.80 15.07
C GLY B 206 27.82 -16.58 14.30
N LYS B 207 27.30 -16.79 13.10
CA LYS B 207 26.72 -15.71 12.31
C LYS B 207 25.25 -15.91 12.19
N ALA B 208 24.55 -14.87 11.73
CA ALA B 208 23.09 -14.93 11.72
C ALA B 208 22.54 -15.46 10.41
N PRO B 209 21.68 -16.52 10.47
CA PRO B 209 20.99 -16.92 9.25
C PRO B 209 19.71 -16.13 9.04
N GLY B 210 19.41 -15.83 7.78
CA GLY B 210 18.20 -15.13 7.45
C GLY B 210 17.52 -15.74 6.25
N ILE B 211 16.24 -15.42 6.09
CA ILE B 211 15.44 -15.95 5.03
C ILE B 211 14.11 -15.19 4.94
N LEU B 212 13.52 -15.19 3.76
CA LEU B 212 12.18 -14.69 3.52
C LEU B 212 11.31 -15.88 3.23
N ILE B 213 10.21 -16.00 3.93
CA ILE B 213 9.33 -17.14 3.75
C ILE B 213 7.93 -16.77 4.18
N ALA B 214 7.00 -16.82 3.25
CA ALA B 214 5.62 -16.42 3.52
C ALA B 214 4.79 -17.53 4.20
N ASN B 215 5.26 -18.76 4.14
CA ASN B 215 4.58 -19.88 4.81
C ASN B 215 4.94 -19.92 6.27
N GLU B 216 3.97 -19.72 7.13
CA GLU B 216 4.26 -19.53 8.54
C GLU B 216 4.77 -20.81 9.23
N GLN B 217 4.34 -21.98 8.76
CA GLN B 217 4.89 -23.24 9.29
C GLN B 217 6.38 -23.39 8.96
N LEU B 218 6.75 -23.17 7.70
CA LEU B 218 8.15 -23.18 7.33
C LEU B 218 8.97 -22.12 8.10
N ALA B 219 8.39 -20.93 8.25
CA ALA B 219 9.08 -19.87 8.98
C ALA B 219 9.43 -20.35 10.40
N LYS B 220 8.49 -20.98 11.09
CA LYS B 220 8.77 -21.48 12.44
C LYS B 220 9.80 -22.60 12.47
N ARG B 221 9.77 -23.46 11.45
CA ARG B 221 10.76 -24.52 11.28
C ARG B 221 12.17 -23.91 11.13
N TYR B 222 12.29 -22.84 10.35
CA TYR B 222 13.60 -22.20 10.17
C TYR B 222 14.04 -21.54 11.45
N LEU B 223 13.11 -20.94 12.17
CA LEU B 223 13.44 -20.32 13.45
C LEU B 223 13.97 -21.40 14.45
N GLU B 224 13.29 -22.53 14.48
CA GLU B 224 13.71 -23.66 15.35
C GLU B 224 15.14 -24.11 15.06
N LEU B 225 15.55 -24.04 13.80
CA LEU B 225 16.90 -24.41 13.41
C LEU B 225 17.95 -23.36 13.66
N GLY B 226 17.56 -22.19 14.16
CA GLY B 226 18.52 -21.17 14.52
C GLY B 226 18.53 -19.89 13.66
N ALA B 227 17.60 -19.77 12.72
CA ALA B 227 17.52 -18.57 11.88
C ALA B 227 17.27 -17.36 12.77
N LEU B 228 17.97 -16.27 12.50
CA LEU B 228 17.88 -15.06 13.34
C LEU B 228 17.28 -13.80 12.66
N PHE B 229 17.20 -13.74 11.34
CA PHE B 229 16.40 -12.68 10.68
C PHE B 229 15.48 -13.26 9.64
N VAL B 230 14.23 -13.37 10.03
CA VAL B 230 13.27 -14.04 9.26
C VAL B 230 12.17 -13.08 8.90
N ALA B 231 12.09 -12.84 7.59
CA ALA B 231 11.00 -12.07 7.04
C ALA B 231 9.86 -13.01 6.73
N VAL B 232 8.70 -12.67 7.28
CA VAL B 232 7.56 -13.58 7.31
C VAL B 232 6.40 -13.17 6.42
N GLY B 233 6.60 -12.10 5.64
CA GLY B 233 5.57 -11.66 4.72
C GLY B 233 6.10 -10.52 3.83
N VAL B 234 5.33 -10.18 2.82
CA VAL B 234 5.66 -9.10 1.88
C VAL B 234 4.45 -8.16 1.78
N ASP B 235 4.67 -6.85 1.89
CA ASP B 235 3.56 -5.90 1.83
C ASP B 235 2.62 -6.05 0.66
N THR B 236 3.16 -6.19 -0.55
CA THR B 236 2.31 -6.26 -1.74
C THR B 236 1.43 -7.53 -1.71
N THR B 237 2.03 -8.63 -1.28
CA THR B 237 1.29 -9.89 -1.11
C THR B 237 0.19 -9.78 -0.07
N LEU B 238 0.52 -9.21 1.08
CA LEU B 238 -0.47 -9.07 2.15
C LEU B 238 -1.66 -8.30 1.66
N LEU B 239 -1.41 -7.22 0.92
CA LEU B 239 -2.48 -6.36 0.46
C LEU B 239 -3.29 -7.02 -0.65
N ALA B 240 -2.61 -7.63 -1.62
CA ALA B 240 -3.26 -8.22 -2.76
C ALA B 240 -4.16 -9.36 -2.29
N ARG B 241 -3.64 -10.21 -1.41
CA ARG B 241 -4.38 -11.41 -1.02
C ARG B 241 -5.57 -11.08 -0.13
N ALA B 242 -5.40 -10.13 0.79
CA ALA B 242 -6.52 -9.66 1.63
C ALA B 242 -7.63 -9.02 0.79
N ALA B 243 -7.24 -8.24 -0.21
CA ALA B 243 -8.21 -7.58 -1.06
C ALA B 243 -8.96 -8.60 -1.91
N GLU B 244 -8.22 -9.54 -2.48
CA GLU B 244 -8.84 -10.57 -3.32
C GLU B 244 -9.80 -11.44 -2.49
N ALA B 245 -9.39 -11.81 -1.29
CA ALA B 245 -10.22 -12.61 -0.36
C ALA B 245 -11.51 -11.89 -0.01
N LEU B 246 -11.39 -10.61 0.31
CA LEU B 246 -12.56 -9.79 0.64
C LEU B 246 -13.52 -9.72 -0.53
N ALA B 247 -13.02 -9.42 -1.72
CA ALA B 247 -13.90 -9.28 -2.87
C ALA B 247 -14.63 -10.62 -3.15
N ALA B 248 -13.92 -11.72 -2.96
CA ALA B 248 -14.49 -13.04 -3.25
C ALA B 248 -15.60 -13.41 -2.25
N ARG B 249 -15.46 -12.97 -1.01
CA ARG B 249 -16.48 -13.22 0.00
C ARG B 249 -17.80 -12.52 -0.32
N PHE B 250 -17.78 -11.57 -1.25
CA PHE B 250 -18.98 -10.85 -1.66
C PHE B 250 -19.39 -11.21 -3.07
N GLY B 251 -18.78 -12.26 -3.60
CA GLY B 251 -19.15 -12.79 -4.89
C GLY B 251 -18.41 -12.14 -6.03
CO CO C . -18.15 11.09 5.75
C1 GOL D . 4.87 4.27 -5.39
O1 GOL D . 3.92 5.08 -4.65
C2 GOL D . 4.89 4.83 -6.83
O2 GOL D . 3.55 5.08 -7.22
C3 GOL D . 5.55 3.92 -7.87
O3 GOL D . 5.24 4.49 -9.15
H11 GOL D . 5.86 4.35 -4.94
H12 GOL D . 4.56 3.24 -5.40
HO1 GOL D . 3.83 4.72 -3.75
H2 GOL D . 5.43 5.78 -6.81
HO2 GOL D . 3.54 5.50 -8.11
H31 GOL D . 6.62 3.89 -7.71
H32 GOL D . 5.15 2.91 -7.79
HO3 GOL D . 5.01 5.44 -9.04
C1 GOL E . 1.89 8.07 -1.54
O1 GOL E . 2.87 7.17 -2.07
C2 GOL E . 2.67 9.31 -1.10
O2 GOL E . 3.94 8.87 -0.66
C3 GOL E . 2.04 10.12 0.04
O3 GOL E . 3.09 10.90 0.62
H11 GOL E . 1.16 8.32 -2.31
H12 GOL E . 1.38 7.62 -0.70
HO1 GOL E . 2.44 6.31 -2.31
H2 GOL E . 2.79 9.98 -1.97
HO2 GOL E . 4.49 9.65 -0.42
H31 GOL E . 1.24 10.77 -0.34
H32 GOL E . 1.60 9.45 0.78
HO3 GOL E . 3.71 10.30 1.10
MG MG F . -17.98 11.01 5.80
C4 2KT G . -17.27 6.95 3.28
C3 2KT G . -17.52 6.84 4.75
C2 2KT G . -17.93 8.09 5.41
O3 2KT G . -17.82 9.13 4.75
C 2KT G . -18.49 8.02 6.81
OXT 2KT G . -18.85 9.04 7.47
O 2KT G . -18.50 6.92 7.42
CO CO H . 16.65 -13.27 -4.70
MG MG I . 16.63 -13.46 -4.60
C1 GOL J . 26.05 -25.37 2.34
O1 GOL J . 27.43 -25.41 2.00
C2 GOL J . 25.27 -26.40 1.51
O2 GOL J . 26.10 -27.11 0.61
C3 GOL J . 24.58 -27.40 2.41
O3 GOL J . 23.58 -28.03 1.65
H11 GOL J . 25.67 -24.38 2.15
H12 GOL J . 25.93 -25.60 3.40
HO1 GOL J . 27.73 -24.51 1.76
H2 GOL J . 24.51 -25.86 0.94
HO2 GOL J . 26.54 -26.49 0.00
H31 GOL J . 24.14 -26.89 3.27
H32 GOL J . 25.30 -28.15 2.78
HO3 GOL J . 23.15 -28.73 2.19
C4 2KT K . 13.91 -12.25 -0.57
C3 2KT K . 14.30 -13.64 -0.94
C2 2KT K . 14.96 -13.81 -2.26
O3 2KT K . 15.44 -12.82 -2.77
C 2KT K . 14.69 -15.08 -3.03
OXT 2KT K . 15.42 -15.43 -4.01
O 2KT K . 13.75 -15.85 -2.66
#